data_260D
# 
_entry.id   260D 
# 
_audit_conform.dict_name       mmcif_pdbx.dic 
_audit_conform.dict_version    5.387 
_audit_conform.dict_location   http://mmcif.pdb.org/dictionaries/ascii/mmcif_pdbx.dic 
# 
loop_
_database_2.database_id 
_database_2.database_code 
_database_2.pdbx_database_accession 
_database_2.pdbx_DOI 
PDB   260D         pdb_0000260d 10.2210/pdb260d/pdb 
RCSB  ADJ075       ?            ?                   
WWPDB D_1000177672 ?            ?                   
# 
loop_
_pdbx_audit_revision_history.ordinal 
_pdbx_audit_revision_history.data_content_type 
_pdbx_audit_revision_history.major_revision 
_pdbx_audit_revision_history.minor_revision 
_pdbx_audit_revision_history.revision_date 
1 'Structure model' 1 0 1996-06-27 
2 'Structure model' 1 1 2008-05-22 
3 'Structure model' 1 2 2011-07-13 
4 'Structure model' 1 3 2024-02-14 
# 
_pdbx_audit_revision_details.ordinal             1 
_pdbx_audit_revision_details.revision_ordinal    1 
_pdbx_audit_revision_details.data_content_type   'Structure model' 
_pdbx_audit_revision_details.provider            repository 
_pdbx_audit_revision_details.type                'Initial release' 
_pdbx_audit_revision_details.description         ? 
_pdbx_audit_revision_details.details             ? 
# 
loop_
_pdbx_audit_revision_group.ordinal 
_pdbx_audit_revision_group.revision_ordinal 
_pdbx_audit_revision_group.data_content_type 
_pdbx_audit_revision_group.group 
1 2 'Structure model' 'Version format compliance' 
2 3 'Structure model' 'Version format compliance' 
3 4 'Structure model' 'Data collection'           
4 4 'Structure model' 'Database references'       
# 
loop_
_pdbx_audit_revision_category.ordinal 
_pdbx_audit_revision_category.revision_ordinal 
_pdbx_audit_revision_category.data_content_type 
_pdbx_audit_revision_category.category 
1 4 'Structure model' chem_comp_atom 
2 4 'Structure model' chem_comp_bond 
3 4 'Structure model' database_2     
# 
loop_
_pdbx_audit_revision_item.ordinal 
_pdbx_audit_revision_item.revision_ordinal 
_pdbx_audit_revision_item.data_content_type 
_pdbx_audit_revision_item.item 
1 4 'Structure model' '_database_2.pdbx_DOI'                
2 4 'Structure model' '_database_2.pdbx_database_accession' 
# 
_pdbx_database_status.status_code                     REL 
_pdbx_database_status.entry_id                        260D 
_pdbx_database_status.recvd_initial_deposition_date   1996-05-21 
_pdbx_database_status.deposit_site                    NDB 
_pdbx_database_status.process_site                    NDB 
_pdbx_database_status.status_code_sf                  REL 
_pdbx_database_status.status_code_mr                  ? 
_pdbx_database_status.SG_entry                        ? 
_pdbx_database_status.pdb_format_compatible           Y 
_pdbx_database_status.status_code_cs                  ? 
_pdbx_database_status.status_code_nmr_data            ? 
_pdbx_database_status.methods_development_category    ? 
# 
loop_
_audit_author.name 
_audit_author.pdbx_ordinal 
'Ban, C.'           1 
'Sundaralingam, M.' 2 
# 
_citation.id                        primary 
_citation.title                     
;Crystal structure of the self-complementary 5'-purine start decamer d(GCACGCGTGC) in the A-DNA conformation. II.
;
_citation.journal_abbrev            Biophys.J. 
_citation.journal_volume            71 
_citation.page_first                1222 
_citation.page_last                 1227 
_citation.year                      1996 
_citation.journal_id_ASTM           BIOJAU 
_citation.country                   US 
_citation.journal_id_ISSN           0006-3495 
_citation.journal_id_CSD            0030 
_citation.book_publisher            ? 
_citation.pdbx_database_id_PubMed   8873996 
_citation.pdbx_database_id_DOI      ? 
# 
loop_
_citation_author.citation_id 
_citation_author.name 
_citation_author.ordinal 
_citation_author.identifier_ORCID 
primary 'Ban, C.'           1 ? 
primary 'Sundaralingam, M.' 2 ? 
# 
loop_
_entity.id 
_entity.type 
_entity.src_method 
_entity.pdbx_description 
_entity.formula_weight 
_entity.pdbx_number_of_molecules 
_entity.pdbx_ec 
_entity.pdbx_mutation 
_entity.pdbx_fragment 
_entity.details 
1 polymer nat 
;DNA (5'-D(*GP*CP*AP*CP*GP*CP*GP*TP*GP*C)-3')
;
3045.993 1  ? ? ? ? 
2 water   nat water                                          18.015   41 ? ? ? ? 
# 
_entity_poly.entity_id                      1 
_entity_poly.type                           polydeoxyribonucleotide 
_entity_poly.nstd_linkage                   no 
_entity_poly.nstd_monomer                   no 
_entity_poly.pdbx_seq_one_letter_code       '(DG)(DC)(DA)(DC)(DG)(DC)(DG)(DT)(DG)(DC)' 
_entity_poly.pdbx_seq_one_letter_code_can   GCACGCGTGC 
_entity_poly.pdbx_strand_id                 A 
_entity_poly.pdbx_target_identifier         ? 
# 
_pdbx_entity_nonpoly.entity_id   2 
_pdbx_entity_nonpoly.name        water 
_pdbx_entity_nonpoly.comp_id     HOH 
# 
loop_
_entity_poly_seq.entity_id 
_entity_poly_seq.num 
_entity_poly_seq.mon_id 
_entity_poly_seq.hetero 
1 1  DG n 
1 2  DC n 
1 3  DA n 
1 4  DC n 
1 5  DG n 
1 6  DC n 
1 7  DG n 
1 8  DT n 
1 9  DG n 
1 10 DC n 
# 
loop_
_chem_comp.id 
_chem_comp.type 
_chem_comp.mon_nstd_flag 
_chem_comp.name 
_chem_comp.pdbx_synonyms 
_chem_comp.formula 
_chem_comp.formula_weight 
DA  'DNA linking' y "2'-DEOXYADENOSINE-5'-MONOPHOSPHATE" ? 'C10 H14 N5 O6 P' 331.222 
DC  'DNA linking' y "2'-DEOXYCYTIDINE-5'-MONOPHOSPHATE"  ? 'C9 H14 N3 O7 P'  307.197 
DG  'DNA linking' y "2'-DEOXYGUANOSINE-5'-MONOPHOSPHATE" ? 'C10 H14 N5 O7 P' 347.221 
DT  'DNA linking' y "THYMIDINE-5'-MONOPHOSPHATE"         ? 'C10 H15 N2 O8 P' 322.208 
HOH non-polymer   . WATER                                ? 'H2 O'            18.015  
# 
loop_
_pdbx_poly_seq_scheme.asym_id 
_pdbx_poly_seq_scheme.entity_id 
_pdbx_poly_seq_scheme.seq_id 
_pdbx_poly_seq_scheme.mon_id 
_pdbx_poly_seq_scheme.ndb_seq_num 
_pdbx_poly_seq_scheme.pdb_seq_num 
_pdbx_poly_seq_scheme.auth_seq_num 
_pdbx_poly_seq_scheme.pdb_mon_id 
_pdbx_poly_seq_scheme.auth_mon_id 
_pdbx_poly_seq_scheme.pdb_strand_id 
_pdbx_poly_seq_scheme.pdb_ins_code 
_pdbx_poly_seq_scheme.hetero 
A 1 1  DG 1  1  1  DG G A . n 
A 1 2  DC 2  2  2  DC C A . n 
A 1 3  DA 3  3  3  DA A A . n 
A 1 4  DC 4  4  4  DC C A . n 
A 1 5  DG 5  5  5  DG G A . n 
A 1 6  DC 6  6  6  DC C A . n 
A 1 7  DG 7  7  7  DG G A . n 
A 1 8  DT 8  8  8  DT T A . n 
A 1 9  DG 9  9  9  DG G A . n 
A 1 10 DC 10 10 10 DC C A . n 
# 
loop_
_pdbx_nonpoly_scheme.asym_id 
_pdbx_nonpoly_scheme.entity_id 
_pdbx_nonpoly_scheme.mon_id 
_pdbx_nonpoly_scheme.ndb_seq_num 
_pdbx_nonpoly_scheme.pdb_seq_num 
_pdbx_nonpoly_scheme.auth_seq_num 
_pdbx_nonpoly_scheme.pdb_mon_id 
_pdbx_nonpoly_scheme.auth_mon_id 
_pdbx_nonpoly_scheme.pdb_strand_id 
_pdbx_nonpoly_scheme.pdb_ins_code 
B 2 HOH 1  11 11 HOH HOH A . 
B 2 HOH 2  12 12 HOH HOH A . 
B 2 HOH 3  13 13 HOH HOH A . 
B 2 HOH 4  14 14 HOH HOH A . 
B 2 HOH 5  15 15 HOH HOH A . 
B 2 HOH 6  16 16 HOH HOH A . 
B 2 HOH 7  17 17 HOH HOH A . 
B 2 HOH 8  18 18 HOH HOH A . 
B 2 HOH 9  19 19 HOH HOH A . 
B 2 HOH 10 20 20 HOH HOH A . 
B 2 HOH 11 21 21 HOH HOH A . 
B 2 HOH 12 22 22 HOH HOH A . 
B 2 HOH 13 23 23 HOH HOH A . 
B 2 HOH 14 24 24 HOH HOH A . 
B 2 HOH 15 25 25 HOH HOH A . 
B 2 HOH 16 26 26 HOH HOH A . 
B 2 HOH 17 27 27 HOH HOH A . 
B 2 HOH 18 28 28 HOH HOH A . 
B 2 HOH 19 29 29 HOH HOH A . 
B 2 HOH 20 30 30 HOH HOH A . 
B 2 HOH 21 31 31 HOH HOH A . 
B 2 HOH 22 32 32 HOH HOH A . 
B 2 HOH 23 33 33 HOH HOH A . 
B 2 HOH 24 34 34 HOH HOH A . 
B 2 HOH 25 35 35 HOH HOH A . 
B 2 HOH 26 36 36 HOH HOH A . 
B 2 HOH 27 37 37 HOH HOH A . 
B 2 HOH 28 38 38 HOH HOH A . 
B 2 HOH 29 39 39 HOH HOH A . 
B 2 HOH 30 40 40 HOH HOH A . 
B 2 HOH 31 41 41 HOH HOH A . 
B 2 HOH 32 42 42 HOH HOH A . 
B 2 HOH 33 43 43 HOH HOH A . 
B 2 HOH 34 44 44 HOH HOH A . 
B 2 HOH 35 45 45 HOH HOH A . 
B 2 HOH 36 46 46 HOH HOH A . 
B 2 HOH 37 47 47 HOH HOH A . 
B 2 HOH 38 48 48 HOH HOH A . 
B 2 HOH 39 49 49 HOH HOH A . 
B 2 HOH 40 50 50 HOH HOH A . 
B 2 HOH 41 51 51 HOH HOH A . 
# 
loop_
_software.name 
_software.classification 
_software.version 
_software.citation_id 
_software.pdbx_ordinal 
X-PLOR refinement       .        ? 1 
XENGEN 'data reduction' 'V. 2.0' ? 2 
# 
_cell.entry_id           260D 
_cell.length_a           38.970 
_cell.length_b           38.970 
_cell.length_c           77.340 
_cell.angle_alpha        90.00 
_cell.angle_beta         90.00 
_cell.angle_gamma        120.00 
_cell.Z_PDB              12 
_cell.pdbx_unique_axis   ? 
# 
_symmetry.entry_id                         260D 
_symmetry.space_group_name_H-M             'P 61 2 2' 
_symmetry.pdbx_full_space_group_name_H-M   ? 
_symmetry.cell_setting                     ? 
_symmetry.Int_Tables_number                178 
# 
_exptl.entry_id          260D 
_exptl.method            'X-RAY DIFFRACTION' 
_exptl.crystals_number   ? 
# 
_exptl_crystal.id                    1 
_exptl_crystal.density_meas          ? 
_exptl_crystal.density_Matthews      2.78 
_exptl_crystal.density_percent_sol   55.80 
_exptl_crystal.description           ? 
# 
_exptl_crystal_grow.crystal_id      1 
_exptl_crystal_grow.method          'VAPOR DIFFUSION' 
_exptl_crystal_grow.temp            ? 
_exptl_crystal_grow.temp_details    'ROOM TEMPERATURE' 
_exptl_crystal_grow.pH              7.00 
_exptl_crystal_grow.pdbx_details    'pH 7.00, VAPOR DIFFUSION' 
_exptl_crystal_grow.pdbx_pH_range   ? 
# 
loop_
_exptl_crystal_grow_comp.crystal_id 
_exptl_crystal_grow_comp.id 
_exptl_crystal_grow_comp.sol_id 
_exptl_crystal_grow_comp.name 
_exptl_crystal_grow_comp.volume 
_exptl_crystal_grow_comp.conc 
_exptl_crystal_grow_comp.details 
1 1 1 WATER           ? ? ? 
1 2 1 MPD             ? ? ? 
1 3 1 'NA CACODYLATE' ? ? ? 
1 4 1 '[CO(NH3)6]3+'  ? ? ? 
1 5 2 WATER           ? ? ? 
1 6 2 MPD             ? ? ? 
# 
_diffrn.id                     1 
_diffrn.ambient_temp           ? 
_diffrn.ambient_temp_details   'ROOM TEMPERATURE' 
_diffrn.crystal_id             1 
# 
_diffrn_detector.diffrn_id              1 
_diffrn_detector.detector               'AREA DETECTOR' 
_diffrn_detector.type                   SIEMENS-NICOLET 
_diffrn_detector.pdbx_collection_date   1994-12-06 
_diffrn_detector.details                ? 
# 
_diffrn_radiation.diffrn_id                        1 
_diffrn_radiation.wavelength_id                    1 
_diffrn_radiation.pdbx_monochromatic_or_laue_m_l   M 
_diffrn_radiation.monochromator                    GRAPHITE 
_diffrn_radiation.pdbx_diffrn_protocol             ? 
_diffrn_radiation.pdbx_scattering_type             x-ray 
# 
_diffrn_radiation_wavelength.id           1 
_diffrn_radiation_wavelength.wavelength   . 
_diffrn_radiation_wavelength.wt           1.0 
# 
_diffrn_source.diffrn_id                   1 
_diffrn_source.source                      'ROTATING ANODE' 
_diffrn_source.type                        MACSCIENCE 
_diffrn_source.pdbx_synchrotron_site       ? 
_diffrn_source.pdbx_synchrotron_beamline   ? 
_diffrn_source.pdbx_wavelength             ? 
_diffrn_source.pdbx_wavelength_list        ? 
# 
_reflns.entry_id                     260D 
_reflns.observed_criterion_sigma_I   ? 
_reflns.observed_criterion_sigma_F   1.000 
_reflns.d_resolution_low             8.000 
_reflns.d_resolution_high            1.900 
_reflns.number_obs                   2634 
_reflns.number_all                   9346 
_reflns.percent_possible_obs         91.000 
_reflns.pdbx_Rmerge_I_obs            0.0310000 
_reflns.pdbx_Rsym_value              ? 
_reflns.pdbx_netI_over_sigmaI        ? 
_reflns.B_iso_Wilson_estimate        ? 
_reflns.pdbx_redundancy              3.500 
_reflns.pdbx_diffrn_id               1 
_reflns.pdbx_ordinal                 1 
# 
_refine.entry_id                                 260D 
_refine.ls_number_reflns_obs                     2491 
_refine.ls_number_reflns_all                     ? 
_refine.pdbx_ls_sigma_I                          ? 
_refine.pdbx_ls_sigma_F                          1.000 
_refine.pdbx_data_cutoff_high_absF               ? 
_refine.pdbx_data_cutoff_low_absF                ? 
_refine.pdbx_data_cutoff_high_rms_absF           ? 
_refine.ls_d_res_low                             8.000 
_refine.ls_d_res_high                            1.900 
_refine.ls_percent_reflns_obs                    ? 
_refine.ls_R_factor_obs                          0.1860000 
_refine.ls_R_factor_all                          ? 
_refine.ls_R_factor_R_work                       0.1860000 
_refine.ls_R_factor_R_free                       ? 
_refine.ls_R_factor_R_free_error                 ? 
_refine.ls_R_factor_R_free_error_details         ? 
_refine.ls_percent_reflns_R_free                 ? 
_refine.ls_number_reflns_R_free                  ? 
_refine.ls_number_parameters                     ? 
_refine.ls_number_restraints                     ? 
_refine.occupancy_min                            ? 
_refine.occupancy_max                            ? 
_refine.B_iso_mean                               ? 
_refine.aniso_B[1][1]                            ? 
_refine.aniso_B[2][2]                            ? 
_refine.aniso_B[3][3]                            ? 
_refine.aniso_B[1][2]                            ? 
_refine.aniso_B[1][3]                            ? 
_refine.aniso_B[2][3]                            ? 
_refine.solvent_model_details                    ? 
_refine.solvent_model_param_ksol                 ? 
_refine.solvent_model_param_bsol                 ? 
_refine.pdbx_ls_cross_valid_method               ? 
_refine.details                                  ? 
_refine.pdbx_starting_model                      ? 
_refine.pdbx_method_to_determine_struct          ? 
_refine.pdbx_isotropic_thermal_model             ? 
_refine.pdbx_stereochemistry_target_values       ? 
_refine.pdbx_stereochem_target_val_spec_case     ? 
_refine.pdbx_R_Free_selection_details            ? 
_refine.pdbx_overall_ESU_R                       ? 
_refine.pdbx_overall_ESU_R_Free                  ? 
_refine.overall_SU_ML                            ? 
_refine.overall_SU_B                             ? 
_refine.pdbx_refine_id                           'X-RAY DIFFRACTION' 
_refine.pdbx_diffrn_id                           1 
_refine.pdbx_TLS_residual_ADP_flag               ? 
_refine.correlation_coeff_Fo_to_Fc               ? 
_refine.correlation_coeff_Fo_to_Fc_free          ? 
_refine.pdbx_solvent_vdw_probe_radii             ? 
_refine.pdbx_solvent_ion_probe_radii             ? 
_refine.pdbx_solvent_shrinkage_radii             ? 
_refine.pdbx_overall_phase_error                 ? 
_refine.overall_SU_R_Cruickshank_DPI             ? 
_refine.pdbx_overall_SU_R_free_Cruickshank_DPI   ? 
_refine.pdbx_overall_SU_R_Blow_DPI               ? 
_refine.pdbx_overall_SU_R_free_Blow_DPI          ? 
# 
_refine_hist.pdbx_refine_id                   'X-RAY DIFFRACTION' 
_refine_hist.cycle_id                         LAST 
_refine_hist.pdbx_number_atoms_protein        0 
_refine_hist.pdbx_number_atoms_nucleic_acid   202 
_refine_hist.pdbx_number_atoms_ligand         0 
_refine_hist.number_atoms_solvent             41 
_refine_hist.number_atoms_total               243 
_refine_hist.d_res_high                       1.900 
_refine_hist.d_res_low                        8.000 
# 
loop_
_refine_ls_restr.type 
_refine_ls_restr.dev_ideal 
_refine_ls_restr.dev_ideal_target 
_refine_ls_restr.weight 
_refine_ls_restr.number 
_refine_ls_restr.pdbx_refine_id 
_refine_ls_restr.pdbx_restraint_function 
x_bond_d                0.013 ? ? ? 'X-RAY DIFFRACTION' ? 
x_bond_d_na             ?     ? ? ? 'X-RAY DIFFRACTION' ? 
x_bond_d_prot           ?     ? ? ? 'X-RAY DIFFRACTION' ? 
x_angle_d               ?     ? ? ? 'X-RAY DIFFRACTION' ? 
x_angle_d_na            ?     ? ? ? 'X-RAY DIFFRACTION' ? 
x_angle_d_prot          ?     ? ? ? 'X-RAY DIFFRACTION' ? 
x_angle_deg             3.50  ? ? ? 'X-RAY DIFFRACTION' ? 
x_angle_deg_na          ?     ? ? ? 'X-RAY DIFFRACTION' ? 
x_angle_deg_prot        ?     ? ? ? 'X-RAY DIFFRACTION' ? 
x_dihedral_angle_d      32.9  ? ? ? 'X-RAY DIFFRACTION' ? 
x_dihedral_angle_d_na   ?     ? ? ? 'X-RAY DIFFRACTION' ? 
x_dihedral_angle_d_prot ?     ? ? ? 'X-RAY DIFFRACTION' ? 
x_improper_angle_d      3.20  ? ? ? 'X-RAY DIFFRACTION' ? 
x_improper_angle_d_na   ?     ? ? ? 'X-RAY DIFFRACTION' ? 
x_improper_angle_d_prot ?     ? ? ? 'X-RAY DIFFRACTION' ? 
x_mcbond_it             ?     ? ? ? 'X-RAY DIFFRACTION' ? 
x_mcangle_it            ?     ? ? ? 'X-RAY DIFFRACTION' ? 
x_scbond_it             ?     ? ? ? 'X-RAY DIFFRACTION' ? 
x_scangle_it            ?     ? ? ? 'X-RAY DIFFRACTION' ? 
# 
_pdbx_xplor_file.serial_no        1 
_pdbx_xplor_file.param_file       PARAM_NDB.DNA 
_pdbx_xplor_file.topol_file       ? 
_pdbx_xplor_file.pdbx_refine_id   'X-RAY DIFFRACTION' 
# 
_struct.entry_id                  260D 
_struct.title                     
;CRYSTAL STRUCTURE OF THE SELF-COMPLEMENTARY 5'-PURINE START DECAMER D(GCACGCGTGC) IN THE A-DNA CONFORMATION-PART II
;
_struct.pdbx_model_details        ? 
_struct.pdbx_CASP_flag            ? 
_struct.pdbx_model_type_details   ? 
# 
_struct_keywords.entry_id        260D 
_struct_keywords.pdbx_keywords   DNA 
_struct_keywords.text            'A-DNA, DOUBLE HELIX, DNA' 
# 
loop_
_struct_asym.id 
_struct_asym.pdbx_blank_PDB_chainid_flag 
_struct_asym.pdbx_modified 
_struct_asym.entity_id 
_struct_asym.details 
A N N 1 ? 
B N N 2 ? 
# 
_struct_ref.id                         1 
_struct_ref.entity_id                  1 
_struct_ref.db_name                    PDB 
_struct_ref.db_code                    260D 
_struct_ref.pdbx_db_accession          260D 
_struct_ref.pdbx_db_isoform            ? 
_struct_ref.pdbx_seq_one_letter_code   ? 
_struct_ref.pdbx_align_begin           ? 
# 
_struct_ref_seq.align_id                      1 
_struct_ref_seq.ref_id                        1 
_struct_ref_seq.pdbx_PDB_id_code              260D 
_struct_ref_seq.pdbx_strand_id                A 
_struct_ref_seq.seq_align_beg                 1 
_struct_ref_seq.pdbx_seq_align_beg_ins_code   ? 
_struct_ref_seq.seq_align_end                 10 
_struct_ref_seq.pdbx_seq_align_end_ins_code   ? 
_struct_ref_seq.pdbx_db_accession             260D 
_struct_ref_seq.db_align_beg                  1 
_struct_ref_seq.pdbx_db_align_beg_ins_code    ? 
_struct_ref_seq.db_align_end                  10 
_struct_ref_seq.pdbx_db_align_end_ins_code    ? 
_struct_ref_seq.pdbx_auth_seq_align_beg       1 
_struct_ref_seq.pdbx_auth_seq_align_end       10 
# 
_pdbx_struct_assembly.id                   1 
_pdbx_struct_assembly.details              author_defined_assembly 
_pdbx_struct_assembly.method_details       ? 
_pdbx_struct_assembly.oligomeric_details   dimeric 
_pdbx_struct_assembly.oligomeric_count     2 
# 
_pdbx_struct_assembly_gen.assembly_id       1 
_pdbx_struct_assembly_gen.oper_expression   1,2 
_pdbx_struct_assembly_gen.asym_id_list      A,B 
# 
loop_
_pdbx_struct_oper_list.id 
_pdbx_struct_oper_list.type 
_pdbx_struct_oper_list.name 
_pdbx_struct_oper_list.symmetry_operation 
_pdbx_struct_oper_list.matrix[1][1] 
_pdbx_struct_oper_list.matrix[1][2] 
_pdbx_struct_oper_list.matrix[1][3] 
_pdbx_struct_oper_list.vector[1] 
_pdbx_struct_oper_list.matrix[2][1] 
_pdbx_struct_oper_list.matrix[2][2] 
_pdbx_struct_oper_list.matrix[2][3] 
_pdbx_struct_oper_list.vector[2] 
_pdbx_struct_oper_list.matrix[3][1] 
_pdbx_struct_oper_list.matrix[3][2] 
_pdbx_struct_oper_list.matrix[3][3] 
_pdbx_struct_oper_list.vector[3] 
1 'identity operation'         1_555  x,y,z         1.0000000000  0.0000000000 0.0000000000 0.0000000000  0.0000000000 1.0000000000  0.0000000000 0.0000000000 0.0000000000 0.0000000000 1.0000000000 0.0000000000 
2 'crystal symmetry operation' 11_555 -x+y,y,-z+1/2 -0.3935115408 0.2213251980 0.8922801264 -2.7444428462 0.2213251980 -0.9192320274 0.3256188517 4.0994142822 0.8922801264 0.3256188517 0.3127435682 0.8485779443 
# 
_struct_biol.id   1 
# 
loop_
_struct_conn.id 
_struct_conn.conn_type_id 
_struct_conn.pdbx_leaving_atom_flag 
_struct_conn.pdbx_PDB_id 
_struct_conn.ptnr1_label_asym_id 
_struct_conn.ptnr1_label_comp_id 
_struct_conn.ptnr1_label_seq_id 
_struct_conn.ptnr1_label_atom_id 
_struct_conn.pdbx_ptnr1_label_alt_id 
_struct_conn.pdbx_ptnr1_PDB_ins_code 
_struct_conn.pdbx_ptnr1_standard_comp_id 
_struct_conn.ptnr1_symmetry 
_struct_conn.ptnr2_label_asym_id 
_struct_conn.ptnr2_label_comp_id 
_struct_conn.ptnr2_label_seq_id 
_struct_conn.ptnr2_label_atom_id 
_struct_conn.pdbx_ptnr2_label_alt_id 
_struct_conn.pdbx_ptnr2_PDB_ins_code 
_struct_conn.ptnr1_auth_asym_id 
_struct_conn.ptnr1_auth_comp_id 
_struct_conn.ptnr1_auth_seq_id 
_struct_conn.ptnr2_auth_asym_id 
_struct_conn.ptnr2_auth_comp_id 
_struct_conn.ptnr2_auth_seq_id 
_struct_conn.ptnr2_symmetry 
_struct_conn.pdbx_ptnr3_label_atom_id 
_struct_conn.pdbx_ptnr3_label_seq_id 
_struct_conn.pdbx_ptnr3_label_comp_id 
_struct_conn.pdbx_ptnr3_label_asym_id 
_struct_conn.pdbx_ptnr3_label_alt_id 
_struct_conn.pdbx_ptnr3_PDB_ins_code 
_struct_conn.details 
_struct_conn.pdbx_dist_value 
_struct_conn.pdbx_value_order 
_struct_conn.pdbx_role 
hydrog1  hydrog ? ? A DG 1  N1 ? ? ? 1_555 A DC 10 N3 ? ? A DG 1  A DC 10 11_555 ? ? ? ? ? ? WATSON-CRICK ? ? ? 
hydrog2  hydrog ? ? A DG 1  N2 ? ? ? 1_555 A DC 10 O2 ? ? A DG 1  A DC 10 11_555 ? ? ? ? ? ? WATSON-CRICK ? ? ? 
hydrog3  hydrog ? ? A DG 1  O6 ? ? ? 1_555 A DC 10 N4 ? ? A DG 1  A DC 10 11_555 ? ? ? ? ? ? WATSON-CRICK ? ? ? 
hydrog4  hydrog ? ? A DC 2  N3 ? ? ? 1_555 A DG 9  N1 ? ? A DC 2  A DG 9  11_555 ? ? ? ? ? ? WATSON-CRICK ? ? ? 
hydrog5  hydrog ? ? A DC 2  N4 ? ? ? 1_555 A DG 9  O6 ? ? A DC 2  A DG 9  11_555 ? ? ? ? ? ? WATSON-CRICK ? ? ? 
hydrog6  hydrog ? ? A DC 2  O2 ? ? ? 1_555 A DG 9  N2 ? ? A DC 2  A DG 9  11_555 ? ? ? ? ? ? WATSON-CRICK ? ? ? 
hydrog7  hydrog ? ? A DA 3  N1 ? ? ? 1_555 A DT 8  N3 ? ? A DA 3  A DT 8  11_555 ? ? ? ? ? ? WATSON-CRICK ? ? ? 
hydrog8  hydrog ? ? A DA 3  N6 ? ? ? 1_555 A DT 8  O4 ? ? A DA 3  A DT 8  11_555 ? ? ? ? ? ? WATSON-CRICK ? ? ? 
hydrog9  hydrog ? ? A DC 4  N3 ? ? ? 1_555 A DG 7  N1 ? ? A DC 4  A DG 7  11_555 ? ? ? ? ? ? WATSON-CRICK ? ? ? 
hydrog10 hydrog ? ? A DC 4  N4 ? ? ? 1_555 A DG 7  O6 ? ? A DC 4  A DG 7  11_555 ? ? ? ? ? ? WATSON-CRICK ? ? ? 
hydrog11 hydrog ? ? A DC 4  O2 ? ? ? 1_555 A DG 7  N2 ? ? A DC 4  A DG 7  11_555 ? ? ? ? ? ? WATSON-CRICK ? ? ? 
hydrog12 hydrog ? ? A DG 5  N1 ? ? ? 1_555 A DC 6  N3 ? ? A DG 5  A DC 6  11_555 ? ? ? ? ? ? WATSON-CRICK ? ? ? 
hydrog13 hydrog ? ? A DG 5  N2 ? ? ? 1_555 A DC 6  O2 ? ? A DG 5  A DC 6  11_555 ? ? ? ? ? ? WATSON-CRICK ? ? ? 
hydrog14 hydrog ? ? A DG 5  O6 ? ? ? 1_555 A DC 6  N4 ? ? A DG 5  A DC 6  11_555 ? ? ? ? ? ? WATSON-CRICK ? ? ? 
hydrog15 hydrog ? ? A DC 6  N3 ? ? ? 1_555 A DG 5  N1 ? ? A DC 6  A DG 5  11_555 ? ? ? ? ? ? WATSON-CRICK ? ? ? 
hydrog16 hydrog ? ? A DC 6  N4 ? ? ? 1_555 A DG 5  O6 ? ? A DC 6  A DG 5  11_555 ? ? ? ? ? ? WATSON-CRICK ? ? ? 
hydrog17 hydrog ? ? A DC 6  O2 ? ? ? 1_555 A DG 5  N2 ? ? A DC 6  A DG 5  11_555 ? ? ? ? ? ? WATSON-CRICK ? ? ? 
hydrog18 hydrog ? ? A DG 7  N1 ? ? ? 1_555 A DC 4  N3 ? ? A DG 7  A DC 4  11_555 ? ? ? ? ? ? WATSON-CRICK ? ? ? 
hydrog19 hydrog ? ? A DG 7  N2 ? ? ? 1_555 A DC 4  O2 ? ? A DG 7  A DC 4  11_555 ? ? ? ? ? ? WATSON-CRICK ? ? ? 
hydrog20 hydrog ? ? A DG 7  O6 ? ? ? 1_555 A DC 4  N4 ? ? A DG 7  A DC 4  11_555 ? ? ? ? ? ? WATSON-CRICK ? ? ? 
hydrog21 hydrog ? ? A DT 8  N3 ? ? ? 1_555 A DA 3  N1 ? ? A DT 8  A DA 3  11_555 ? ? ? ? ? ? WATSON-CRICK ? ? ? 
hydrog22 hydrog ? ? A DT 8  O4 ? ? ? 1_555 A DA 3  N6 ? ? A DT 8  A DA 3  11_555 ? ? ? ? ? ? WATSON-CRICK ? ? ? 
hydrog23 hydrog ? ? A DG 9  N1 ? ? ? 1_555 A DC 2  N3 ? ? A DG 9  A DC 2  11_555 ? ? ? ? ? ? WATSON-CRICK ? ? ? 
hydrog24 hydrog ? ? A DG 9  N2 ? ? ? 1_555 A DC 2  O2 ? ? A DG 9  A DC 2  11_555 ? ? ? ? ? ? WATSON-CRICK ? ? ? 
hydrog25 hydrog ? ? A DG 9  O6 ? ? ? 1_555 A DC 2  N4 ? ? A DG 9  A DC 2  11_555 ? ? ? ? ? ? WATSON-CRICK ? ? ? 
hydrog26 hydrog ? ? A DC 10 N3 ? ? ? 1_555 A DG 1  N1 ? ? A DC 10 A DG 1  11_555 ? ? ? ? ? ? WATSON-CRICK ? ? ? 
hydrog27 hydrog ? ? A DC 10 N4 ? ? ? 1_555 A DG 1  O6 ? ? A DC 10 A DG 1  11_555 ? ? ? ? ? ? WATSON-CRICK ? ? ? 
hydrog28 hydrog ? ? A DC 10 O2 ? ? ? 1_555 A DG 1  N2 ? ? A DC 10 A DG 1  11_555 ? ? ? ? ? ? WATSON-CRICK ? ? ? 
# 
_struct_conn_type.id          hydrog 
_struct_conn_type.criteria    ? 
_struct_conn_type.reference   ? 
# 
loop_
_pdbx_validate_rmsd_angle.id 
_pdbx_validate_rmsd_angle.PDB_model_num 
_pdbx_validate_rmsd_angle.auth_atom_id_1 
_pdbx_validate_rmsd_angle.auth_asym_id_1 
_pdbx_validate_rmsd_angle.auth_comp_id_1 
_pdbx_validate_rmsd_angle.auth_seq_id_1 
_pdbx_validate_rmsd_angle.PDB_ins_code_1 
_pdbx_validate_rmsd_angle.label_alt_id_1 
_pdbx_validate_rmsd_angle.auth_atom_id_2 
_pdbx_validate_rmsd_angle.auth_asym_id_2 
_pdbx_validate_rmsd_angle.auth_comp_id_2 
_pdbx_validate_rmsd_angle.auth_seq_id_2 
_pdbx_validate_rmsd_angle.PDB_ins_code_2 
_pdbx_validate_rmsd_angle.label_alt_id_2 
_pdbx_validate_rmsd_angle.auth_atom_id_3 
_pdbx_validate_rmsd_angle.auth_asym_id_3 
_pdbx_validate_rmsd_angle.auth_comp_id_3 
_pdbx_validate_rmsd_angle.auth_seq_id_3 
_pdbx_validate_rmsd_angle.PDB_ins_code_3 
_pdbx_validate_rmsd_angle.label_alt_id_3 
_pdbx_validate_rmsd_angle.angle_value 
_pdbx_validate_rmsd_angle.angle_target_value 
_pdbx_validate_rmsd_angle.angle_deviation 
_pdbx_validate_rmsd_angle.angle_standard_deviation 
_pdbx_validate_rmsd_angle.linker_flag 
1  1 "O4'" A DG 1  ? ? "C1'" A DG 1  ? ? N9    A DG 1  ? ? 110.70 108.30 2.40   0.30 N 
2  1 "O4'" A DC 2  ? ? "C1'" A DC 2  ? ? N1    A DC 2  ? ? 112.68 108.30 4.38   0.30 N 
3  1 N1    A DC 2  ? ? C2    A DC 2  ? ? O2    A DC 2  ? ? 123.15 118.90 4.25   0.60 N 
4  1 N3    A DC 2  ? ? C2    A DC 2  ? ? O2    A DC 2  ? ? 117.37 121.90 -4.53  0.70 N 
5  1 "O3'" A DC 2  ? ? P     A DA 3  ? ? OP2   A DA 3  ? ? 117.24 110.50 6.74   1.10 Y 
6  1 "O4'" A DA 3  ? ? "C1'" A DA 3  ? ? N9    A DA 3  ? ? 110.57 108.30 2.27   0.30 N 
7  1 "O3'" A DA 3  ? ? P     A DC 4  ? ? OP2   A DC 4  ? ? 125.28 110.50 14.78  1.10 Y 
8  1 "C4'" A DC 4  ? ? "C3'" A DC 4  ? ? "C2'" A DC 4  ? ? 96.24  102.20 -5.96  0.70 N 
9  1 "O3'" A DC 4  ? ? P     A DG 5  ? ? OP2   A DG 5  ? ? 135.81 110.50 25.31  1.10 Y 
10 1 "O3'" A DC 4  ? ? P     A DG 5  ? ? OP1   A DG 5  ? ? 77.08  105.20 -28.12 2.20 Y 
11 1 "O4'" A DG 5  ? ? "C1'" A DG 5  ? ? N9    A DG 5  ? ? 113.68 108.30 5.38   0.30 N 
12 1 "O3'" A DG 5  ? ? P     A DC 6  ? ? "O5'" A DC 6  ? ? 91.70  104.00 -12.30 1.90 Y 
13 1 "O3'" A DG 5  ? ? P     A DC 6  ? ? OP2   A DC 6  ? ? 120.06 110.50 9.56   1.10 Y 
14 1 "O4'" A DC 6  ? ? "C1'" A DC 6  ? ? N1    A DC 6  ? ? 110.72 108.30 2.42   0.30 N 
15 1 "O3'" A DC 6  ? ? P     A DG 7  ? ? "O5'" A DG 7  ? ? 90.76  104.00 -13.24 1.90 Y 
16 1 "O3'" A DC 6  ? ? P     A DG 7  ? ? OP2   A DG 7  ? ? 118.48 110.50 7.98   1.10 Y 
17 1 "O4'" A DG 7  ? ? "C1'" A DG 7  ? ? N9    A DG 7  ? ? 110.96 108.30 2.66   0.30 N 
18 1 "O4'" A DT 8  ? ? "C4'" A DT 8  ? ? "C3'" A DT 8  ? ? 101.58 104.50 -2.92  0.40 N 
19 1 C6    A DT 8  ? ? C5    A DT 8  ? ? C7    A DT 8  ? ? 117.47 122.90 -5.43  0.60 N 
20 1 "O4'" A DC 10 ? ? "C1'" A DC 10 ? ? N1    A DC 10 ? ? 112.37 108.30 4.07   0.30 N 
21 1 N3    A DC 10 ? ? C2    A DC 10 ? ? O2    A DC 10 ? ? 116.18 121.90 -5.72  0.70 N 
# 
loop_
_pdbx_validate_planes.id 
_pdbx_validate_planes.PDB_model_num 
_pdbx_validate_planes.auth_comp_id 
_pdbx_validate_planes.auth_asym_id 
_pdbx_validate_planes.auth_seq_id 
_pdbx_validate_planes.PDB_ins_code 
_pdbx_validate_planes.label_alt_id 
_pdbx_validate_planes.rmsd 
_pdbx_validate_planes.type 
1 1 DA A 3 ? ? 0.073 'SIDE CHAIN' 
2 1 DT A 8 ? ? 0.067 'SIDE CHAIN' 
# 
_pdbx_struct_special_symmetry.id              1 
_pdbx_struct_special_symmetry.PDB_model_num   1 
_pdbx_struct_special_symmetry.auth_asym_id    A 
_pdbx_struct_special_symmetry.auth_comp_id    HOH 
_pdbx_struct_special_symmetry.auth_seq_id     13 
_pdbx_struct_special_symmetry.PDB_ins_code    ? 
_pdbx_struct_special_symmetry.label_asym_id   B 
_pdbx_struct_special_symmetry.label_comp_id   HOH 
_pdbx_struct_special_symmetry.label_seq_id    . 
# 
loop_
_refine_B_iso.class 
_refine_B_iso.details 
_refine_B_iso.treatment 
_refine_B_iso.pdbx_refine_id 
'ALL ATOMS'  TF isotropic 'X-RAY DIFFRACTION' 
'ALL WATERS' TF isotropic 'X-RAY DIFFRACTION' 
# 
loop_
_refine_occupancy.class 
_refine_occupancy.treatment 
_refine_occupancy.pdbx_refine_id 
'ALL ATOMS'  fix 'X-RAY DIFFRACTION' 
'ALL WATERS' fix 'X-RAY DIFFRACTION' 
# 
loop_
_chem_comp_atom.comp_id 
_chem_comp_atom.atom_id 
_chem_comp_atom.type_symbol 
_chem_comp_atom.pdbx_aromatic_flag 
_chem_comp_atom.pdbx_stereo_config 
_chem_comp_atom.pdbx_ordinal 
DA  OP3    O N N 1   
DA  P      P N N 2   
DA  OP1    O N N 3   
DA  OP2    O N N 4   
DA  "O5'"  O N N 5   
DA  "C5'"  C N N 6   
DA  "C4'"  C N R 7   
DA  "O4'"  O N N 8   
DA  "C3'"  C N S 9   
DA  "O3'"  O N N 10  
DA  "C2'"  C N N 11  
DA  "C1'"  C N R 12  
DA  N9     N Y N 13  
DA  C8     C Y N 14  
DA  N7     N Y N 15  
DA  C5     C Y N 16  
DA  C6     C Y N 17  
DA  N6     N N N 18  
DA  N1     N Y N 19  
DA  C2     C Y N 20  
DA  N3     N Y N 21  
DA  C4     C Y N 22  
DA  HOP3   H N N 23  
DA  HOP2   H N N 24  
DA  "H5'"  H N N 25  
DA  "H5''" H N N 26  
DA  "H4'"  H N N 27  
DA  "H3'"  H N N 28  
DA  "HO3'" H N N 29  
DA  "H2'"  H N N 30  
DA  "H2''" H N N 31  
DA  "H1'"  H N N 32  
DA  H8     H N N 33  
DA  H61    H N N 34  
DA  H62    H N N 35  
DA  H2     H N N 36  
DC  OP3    O N N 37  
DC  P      P N N 38  
DC  OP1    O N N 39  
DC  OP2    O N N 40  
DC  "O5'"  O N N 41  
DC  "C5'"  C N N 42  
DC  "C4'"  C N R 43  
DC  "O4'"  O N N 44  
DC  "C3'"  C N S 45  
DC  "O3'"  O N N 46  
DC  "C2'"  C N N 47  
DC  "C1'"  C N R 48  
DC  N1     N N N 49  
DC  C2     C N N 50  
DC  O2     O N N 51  
DC  N3     N N N 52  
DC  C4     C N N 53  
DC  N4     N N N 54  
DC  C5     C N N 55  
DC  C6     C N N 56  
DC  HOP3   H N N 57  
DC  HOP2   H N N 58  
DC  "H5'"  H N N 59  
DC  "H5''" H N N 60  
DC  "H4'"  H N N 61  
DC  "H3'"  H N N 62  
DC  "HO3'" H N N 63  
DC  "H2'"  H N N 64  
DC  "H2''" H N N 65  
DC  "H1'"  H N N 66  
DC  H41    H N N 67  
DC  H42    H N N 68  
DC  H5     H N N 69  
DC  H6     H N N 70  
DG  OP3    O N N 71  
DG  P      P N N 72  
DG  OP1    O N N 73  
DG  OP2    O N N 74  
DG  "O5'"  O N N 75  
DG  "C5'"  C N N 76  
DG  "C4'"  C N R 77  
DG  "O4'"  O N N 78  
DG  "C3'"  C N S 79  
DG  "O3'"  O N N 80  
DG  "C2'"  C N N 81  
DG  "C1'"  C N R 82  
DG  N9     N Y N 83  
DG  C8     C Y N 84  
DG  N7     N Y N 85  
DG  C5     C Y N 86  
DG  C6     C N N 87  
DG  O6     O N N 88  
DG  N1     N N N 89  
DG  C2     C N N 90  
DG  N2     N N N 91  
DG  N3     N N N 92  
DG  C4     C Y N 93  
DG  HOP3   H N N 94  
DG  HOP2   H N N 95  
DG  "H5'"  H N N 96  
DG  "H5''" H N N 97  
DG  "H4'"  H N N 98  
DG  "H3'"  H N N 99  
DG  "HO3'" H N N 100 
DG  "H2'"  H N N 101 
DG  "H2''" H N N 102 
DG  "H1'"  H N N 103 
DG  H8     H N N 104 
DG  H1     H N N 105 
DG  H21    H N N 106 
DG  H22    H N N 107 
DT  OP3    O N N 108 
DT  P      P N N 109 
DT  OP1    O N N 110 
DT  OP2    O N N 111 
DT  "O5'"  O N N 112 
DT  "C5'"  C N N 113 
DT  "C4'"  C N R 114 
DT  "O4'"  O N N 115 
DT  "C3'"  C N S 116 
DT  "O3'"  O N N 117 
DT  "C2'"  C N N 118 
DT  "C1'"  C N R 119 
DT  N1     N N N 120 
DT  C2     C N N 121 
DT  O2     O N N 122 
DT  N3     N N N 123 
DT  C4     C N N 124 
DT  O4     O N N 125 
DT  C5     C N N 126 
DT  C7     C N N 127 
DT  C6     C N N 128 
DT  HOP3   H N N 129 
DT  HOP2   H N N 130 
DT  "H5'"  H N N 131 
DT  "H5''" H N N 132 
DT  "H4'"  H N N 133 
DT  "H3'"  H N N 134 
DT  "HO3'" H N N 135 
DT  "H2'"  H N N 136 
DT  "H2''" H N N 137 
DT  "H1'"  H N N 138 
DT  H3     H N N 139 
DT  H71    H N N 140 
DT  H72    H N N 141 
DT  H73    H N N 142 
DT  H6     H N N 143 
HOH O      O N N 144 
HOH H1     H N N 145 
HOH H2     H N N 146 
# 
loop_
_chem_comp_bond.comp_id 
_chem_comp_bond.atom_id_1 
_chem_comp_bond.atom_id_2 
_chem_comp_bond.value_order 
_chem_comp_bond.pdbx_aromatic_flag 
_chem_comp_bond.pdbx_stereo_config 
_chem_comp_bond.pdbx_ordinal 
DA  OP3   P      sing N N 1   
DA  OP3   HOP3   sing N N 2   
DA  P     OP1    doub N N 3   
DA  P     OP2    sing N N 4   
DA  P     "O5'"  sing N N 5   
DA  OP2   HOP2   sing N N 6   
DA  "O5'" "C5'"  sing N N 7   
DA  "C5'" "C4'"  sing N N 8   
DA  "C5'" "H5'"  sing N N 9   
DA  "C5'" "H5''" sing N N 10  
DA  "C4'" "O4'"  sing N N 11  
DA  "C4'" "C3'"  sing N N 12  
DA  "C4'" "H4'"  sing N N 13  
DA  "O4'" "C1'"  sing N N 14  
DA  "C3'" "O3'"  sing N N 15  
DA  "C3'" "C2'"  sing N N 16  
DA  "C3'" "H3'"  sing N N 17  
DA  "O3'" "HO3'" sing N N 18  
DA  "C2'" "C1'"  sing N N 19  
DA  "C2'" "H2'"  sing N N 20  
DA  "C2'" "H2''" sing N N 21  
DA  "C1'" N9     sing N N 22  
DA  "C1'" "H1'"  sing N N 23  
DA  N9    C8     sing Y N 24  
DA  N9    C4     sing Y N 25  
DA  C8    N7     doub Y N 26  
DA  C8    H8     sing N N 27  
DA  N7    C5     sing Y N 28  
DA  C5    C6     sing Y N 29  
DA  C5    C4     doub Y N 30  
DA  C6    N6     sing N N 31  
DA  C6    N1     doub Y N 32  
DA  N6    H61    sing N N 33  
DA  N6    H62    sing N N 34  
DA  N1    C2     sing Y N 35  
DA  C2    N3     doub Y N 36  
DA  C2    H2     sing N N 37  
DA  N3    C4     sing Y N 38  
DC  OP3   P      sing N N 39  
DC  OP3   HOP3   sing N N 40  
DC  P     OP1    doub N N 41  
DC  P     OP2    sing N N 42  
DC  P     "O5'"  sing N N 43  
DC  OP2   HOP2   sing N N 44  
DC  "O5'" "C5'"  sing N N 45  
DC  "C5'" "C4'"  sing N N 46  
DC  "C5'" "H5'"  sing N N 47  
DC  "C5'" "H5''" sing N N 48  
DC  "C4'" "O4'"  sing N N 49  
DC  "C4'" "C3'"  sing N N 50  
DC  "C4'" "H4'"  sing N N 51  
DC  "O4'" "C1'"  sing N N 52  
DC  "C3'" "O3'"  sing N N 53  
DC  "C3'" "C2'"  sing N N 54  
DC  "C3'" "H3'"  sing N N 55  
DC  "O3'" "HO3'" sing N N 56  
DC  "C2'" "C1'"  sing N N 57  
DC  "C2'" "H2'"  sing N N 58  
DC  "C2'" "H2''" sing N N 59  
DC  "C1'" N1     sing N N 60  
DC  "C1'" "H1'"  sing N N 61  
DC  N1    C2     sing N N 62  
DC  N1    C6     sing N N 63  
DC  C2    O2     doub N N 64  
DC  C2    N3     sing N N 65  
DC  N3    C4     doub N N 66  
DC  C4    N4     sing N N 67  
DC  C4    C5     sing N N 68  
DC  N4    H41    sing N N 69  
DC  N4    H42    sing N N 70  
DC  C5    C6     doub N N 71  
DC  C5    H5     sing N N 72  
DC  C6    H6     sing N N 73  
DG  OP3   P      sing N N 74  
DG  OP3   HOP3   sing N N 75  
DG  P     OP1    doub N N 76  
DG  P     OP2    sing N N 77  
DG  P     "O5'"  sing N N 78  
DG  OP2   HOP2   sing N N 79  
DG  "O5'" "C5'"  sing N N 80  
DG  "C5'" "C4'"  sing N N 81  
DG  "C5'" "H5'"  sing N N 82  
DG  "C5'" "H5''" sing N N 83  
DG  "C4'" "O4'"  sing N N 84  
DG  "C4'" "C3'"  sing N N 85  
DG  "C4'" "H4'"  sing N N 86  
DG  "O4'" "C1'"  sing N N 87  
DG  "C3'" "O3'"  sing N N 88  
DG  "C3'" "C2'"  sing N N 89  
DG  "C3'" "H3'"  sing N N 90  
DG  "O3'" "HO3'" sing N N 91  
DG  "C2'" "C1'"  sing N N 92  
DG  "C2'" "H2'"  sing N N 93  
DG  "C2'" "H2''" sing N N 94  
DG  "C1'" N9     sing N N 95  
DG  "C1'" "H1'"  sing N N 96  
DG  N9    C8     sing Y N 97  
DG  N9    C4     sing Y N 98  
DG  C8    N7     doub Y N 99  
DG  C8    H8     sing N N 100 
DG  N7    C5     sing Y N 101 
DG  C5    C6     sing N N 102 
DG  C5    C4     doub Y N 103 
DG  C6    O6     doub N N 104 
DG  C6    N1     sing N N 105 
DG  N1    C2     sing N N 106 
DG  N1    H1     sing N N 107 
DG  C2    N2     sing N N 108 
DG  C2    N3     doub N N 109 
DG  N2    H21    sing N N 110 
DG  N2    H22    sing N N 111 
DG  N3    C4     sing N N 112 
DT  OP3   P      sing N N 113 
DT  OP3   HOP3   sing N N 114 
DT  P     OP1    doub N N 115 
DT  P     OP2    sing N N 116 
DT  P     "O5'"  sing N N 117 
DT  OP2   HOP2   sing N N 118 
DT  "O5'" "C5'"  sing N N 119 
DT  "C5'" "C4'"  sing N N 120 
DT  "C5'" "H5'"  sing N N 121 
DT  "C5'" "H5''" sing N N 122 
DT  "C4'" "O4'"  sing N N 123 
DT  "C4'" "C3'"  sing N N 124 
DT  "C4'" "H4'"  sing N N 125 
DT  "O4'" "C1'"  sing N N 126 
DT  "C3'" "O3'"  sing N N 127 
DT  "C3'" "C2'"  sing N N 128 
DT  "C3'" "H3'"  sing N N 129 
DT  "O3'" "HO3'" sing N N 130 
DT  "C2'" "C1'"  sing N N 131 
DT  "C2'" "H2'"  sing N N 132 
DT  "C2'" "H2''" sing N N 133 
DT  "C1'" N1     sing N N 134 
DT  "C1'" "H1'"  sing N N 135 
DT  N1    C2     sing N N 136 
DT  N1    C6     sing N N 137 
DT  C2    O2     doub N N 138 
DT  C2    N3     sing N N 139 
DT  N3    C4     sing N N 140 
DT  N3    H3     sing N N 141 
DT  C4    O4     doub N N 142 
DT  C4    C5     sing N N 143 
DT  C5    C7     sing N N 144 
DT  C5    C6     doub N N 145 
DT  C7    H71    sing N N 146 
DT  C7    H72    sing N N 147 
DT  C7    H73    sing N N 148 
DT  C6    H6     sing N N 149 
HOH O     H1     sing N N 150 
HOH O     H2     sing N N 151 
# 
_ndb_struct_conf_na.entry_id   260D 
_ndb_struct_conf_na.feature    'a-form double helix' 
# 
loop_
_ndb_struct_na_base_pair.model_number 
_ndb_struct_na_base_pair.i_label_asym_id 
_ndb_struct_na_base_pair.i_label_comp_id 
_ndb_struct_na_base_pair.i_label_seq_id 
_ndb_struct_na_base_pair.i_symmetry 
_ndb_struct_na_base_pair.j_label_asym_id 
_ndb_struct_na_base_pair.j_label_comp_id 
_ndb_struct_na_base_pair.j_label_seq_id 
_ndb_struct_na_base_pair.j_symmetry 
_ndb_struct_na_base_pair.shear 
_ndb_struct_na_base_pair.stretch 
_ndb_struct_na_base_pair.stagger 
_ndb_struct_na_base_pair.buckle 
_ndb_struct_na_base_pair.propeller 
_ndb_struct_na_base_pair.opening 
_ndb_struct_na_base_pair.pair_number 
_ndb_struct_na_base_pair.pair_name 
_ndb_struct_na_base_pair.i_auth_asym_id 
_ndb_struct_na_base_pair.i_auth_seq_id 
_ndb_struct_na_base_pair.i_PDB_ins_code 
_ndb_struct_na_base_pair.j_auth_asym_id 
_ndb_struct_na_base_pair.j_auth_seq_id 
_ndb_struct_na_base_pair.j_PDB_ins_code 
_ndb_struct_na_base_pair.hbond_type_28 
_ndb_struct_na_base_pair.hbond_type_12 
1 A DG 1  1_555 A DC 10 11_555 -0.447 -0.262 -0.240 -8.937 -7.117  -0.971 1  A_DG1:DC10_A A 1  ? A 10 ? 19 1 
1 A DC 2  1_555 A DG 9  11_555 -0.016 -0.277 0.130  2.567  -11.024 2.849  2  A_DC2:DG9_A  A 2  ? A 9  ? 19 1 
1 A DA 3  1_555 A DT 8  11_555 0.049  -0.295 0.046  5.326  -11.071 6.758  3  A_DA3:DT8_A  A 3  ? A 8  ? 20 1 
1 A DC 4  1_555 A DG 7  11_555 0.047  -0.273 -0.014 7.377  -14.707 -1.875 4  A_DC4:DG7_A  A 4  ? A 7  ? 19 1 
1 A DG 5  1_555 A DC 6  11_555 0.082  -0.319 0.107  1.075  -16.337 -3.331 5  A_DG5:DC6_A  A 5  ? A 6  ? 19 1 
1 A DC 6  1_555 A DG 5  11_555 -0.082 -0.319 0.107  -1.074 -16.337 -3.331 6  A_DC6:DG5_A  A 6  ? A 5  ? 19 1 
1 A DG 7  1_555 A DC 4  11_555 -0.047 -0.273 -0.014 -7.377 -14.707 -1.875 7  A_DG7:DC4_A  A 7  ? A 4  ? 19 1 
1 A DT 8  1_555 A DA 3  11_555 -0.049 -0.295 0.046  -5.326 -11.071 6.758  8  A_DT8:DA3_A  A 8  ? A 3  ? 20 1 
1 A DG 9  1_555 A DC 2  11_555 0.016  -0.277 0.130  -2.567 -11.024 2.849  9  A_DG9:DC2_A  A 9  ? A 2  ? 19 1 
1 A DC 10 1_555 A DG 1  11_555 0.447  -0.262 -0.240 8.937  -7.117  -0.971 10 A_DC10:DG1_A A 10 ? A 1  ? 19 1 
# 
loop_
_ndb_struct_na_base_pair_step.model_number 
_ndb_struct_na_base_pair_step.i_label_asym_id_1 
_ndb_struct_na_base_pair_step.i_label_comp_id_1 
_ndb_struct_na_base_pair_step.i_label_seq_id_1 
_ndb_struct_na_base_pair_step.i_symmetry_1 
_ndb_struct_na_base_pair_step.j_label_asym_id_1 
_ndb_struct_na_base_pair_step.j_label_comp_id_1 
_ndb_struct_na_base_pair_step.j_label_seq_id_1 
_ndb_struct_na_base_pair_step.j_symmetry_1 
_ndb_struct_na_base_pair_step.i_label_asym_id_2 
_ndb_struct_na_base_pair_step.i_label_comp_id_2 
_ndb_struct_na_base_pair_step.i_label_seq_id_2 
_ndb_struct_na_base_pair_step.i_symmetry_2 
_ndb_struct_na_base_pair_step.j_label_asym_id_2 
_ndb_struct_na_base_pair_step.j_label_comp_id_2 
_ndb_struct_na_base_pair_step.j_label_seq_id_2 
_ndb_struct_na_base_pair_step.j_symmetry_2 
_ndb_struct_na_base_pair_step.shift 
_ndb_struct_na_base_pair_step.slide 
_ndb_struct_na_base_pair_step.rise 
_ndb_struct_na_base_pair_step.tilt 
_ndb_struct_na_base_pair_step.roll 
_ndb_struct_na_base_pair_step.twist 
_ndb_struct_na_base_pair_step.x_displacement 
_ndb_struct_na_base_pair_step.y_displacement 
_ndb_struct_na_base_pair_step.helical_rise 
_ndb_struct_na_base_pair_step.inclination 
_ndb_struct_na_base_pair_step.tip 
_ndb_struct_na_base_pair_step.helical_twist 
_ndb_struct_na_base_pair_step.step_number 
_ndb_struct_na_base_pair_step.step_name 
_ndb_struct_na_base_pair_step.i_auth_asym_id_1 
_ndb_struct_na_base_pair_step.i_auth_seq_id_1 
_ndb_struct_na_base_pair_step.i_PDB_ins_code_1 
_ndb_struct_na_base_pair_step.j_auth_asym_id_1 
_ndb_struct_na_base_pair_step.j_auth_seq_id_1 
_ndb_struct_na_base_pair_step.j_PDB_ins_code_1 
_ndb_struct_na_base_pair_step.i_auth_asym_id_2 
_ndb_struct_na_base_pair_step.i_auth_seq_id_2 
_ndb_struct_na_base_pair_step.i_PDB_ins_code_2 
_ndb_struct_na_base_pair_step.j_auth_asym_id_2 
_ndb_struct_na_base_pair_step.j_auth_seq_id_2 
_ndb_struct_na_base_pair_step.j_PDB_ins_code_2 
1 A DG 1 1_555 A DC 10 11_555 A DC 2  1_555 A DG 9 11_555 0.061  -1.051 3.076 -3.111 7.924  33.235 -2.909 -0.545 2.743 13.579 
5.331  34.278 1 AA_DG1DC2:DG9DC10_AA A 1 ? A 10 ? A 2  ? A 9 ? 
1 A DC 2 1_555 A DG 9  11_555 A DA 3  1_555 A DT 8 11_555 0.040  -0.930 3.274 0.601  7.223  30.519 -3.040 0.036  2.982 13.483 
-1.122 31.348 2 AA_DC2DA3:DT8DG9_AA  A 2 ? A 9  ? A 3  ? A 8 ? 
1 A DA 3 1_555 A DT 8  11_555 A DC 4  1_555 A DG 7 11_555 -0.267 -1.247 3.365 -0.433 4.861  32.652 -3.022 0.396  3.155 8.585  
0.766  33.005 3 AA_DA3DC4:DG7DT8_AA  A 3 ? A 8  ? A 4  ? A 7 ? 
1 A DC 4 1_555 A DG 7  11_555 A DG 5  1_555 A DC 6 11_555 -0.786 -1.745 3.348 -4.195 18.679 28.849 -5.528 0.744  1.980 33.269 
7.471  34.511 4 AA_DC4DG5:DC6DG7_AA  A 4 ? A 7  ? A 5  ? A 6 ? 
1 A DG 5 1_555 A DC 6  11_555 A DC 6  1_555 A DG 5 11_555 0.000  -1.623 3.288 0.000  6.442  34.425 -3.630 0.000  2.945 10.767 
0.000  35.005 5 AA_DG5DC6:DG5DC6_AA  A 5 ? A 6  ? A 6  ? A 5 ? 
1 A DC 6 1_555 A DG 5  11_555 A DG 7  1_555 A DC 4 11_555 0.786  -1.745 3.348 4.195  18.679 28.849 -5.528 -0.744 1.980 33.269 
-7.471 34.511 6 AA_DC6DG7:DC4DG5_AA  A 6 ? A 5  ? A 7  ? A 4 ? 
1 A DG 7 1_555 A DC 4  11_555 A DT 8  1_555 A DA 3 11_555 0.267  -1.247 3.365 0.433  4.861  32.652 -3.022 -0.396 3.155 8.586  
-0.766 33.005 7 AA_DG7DT8:DA3DC4_AA  A 7 ? A 4  ? A 8  ? A 3 ? 
1 A DT 8 1_555 A DA 3  11_555 A DG 9  1_555 A DC 2 11_555 -0.040 -0.930 3.274 -0.601 7.223  30.519 -3.040 -0.036 2.982 13.483 
1.122  31.348 8 AA_DT8DG9:DC2DA3_AA  A 8 ? A 3  ? A 9  ? A 2 ? 
1 A DG 9 1_555 A DC 2  11_555 A DC 10 1_555 A DG 1 11_555 -0.061 -1.051 3.076 3.111  7.924  33.235 -2.909 0.545  2.743 13.579 
-5.331 34.278 9 AA_DG9DC10:DG1DC2_AA A 9 ? A 2  ? A 10 ? A 1 ? 
# 
_atom_sites.entry_id                    260D 
_atom_sites.fract_transf_matrix[1][1]   0.02891677 
_atom_sites.fract_transf_matrix[1][2]   -0.00646040 
_atom_sites.fract_transf_matrix[1][3]   0.00023389 
_atom_sites.fract_transf_matrix[2][1]   0.01631653 
_atom_sites.fract_transf_matrix[2][2]   0.00595438 
_atom_sites.fract_transf_matrix[2][3]   0.02400527 
_atom_sites.fract_transf_matrix[3][1]   -0.00266098 
_atom_sites.fract_transf_matrix[3][2]   -0.01173966 
_atom_sites.fract_transf_matrix[3][3]   0.00472064 
_atom_sites.fract_transf_vector[1]      0.482593 
_atom_sites.fract_transf_vector[2]      0.859539 
_atom_sites.fract_transf_vector[3]      0.268410 
# 
loop_
_atom_type.symbol 
C 
N 
O 
P 
# 
loop_
_atom_site.group_PDB 
_atom_site.id 
_atom_site.type_symbol 
_atom_site.label_atom_id 
_atom_site.label_alt_id 
_atom_site.label_comp_id 
_atom_site.label_asym_id 
_atom_site.label_entity_id 
_atom_site.label_seq_id 
_atom_site.pdbx_PDB_ins_code 
_atom_site.Cartn_x 
_atom_site.Cartn_y 
_atom_site.Cartn_z 
_atom_site.occupancy 
_atom_site.B_iso_or_equiv 
_atom_site.pdbx_formal_charge 
_atom_site.auth_seq_id 
_atom_site.auth_comp_id 
_atom_site.auth_asym_id 
_atom_site.auth_atom_id 
_atom_site.pdbx_PDB_model_num 
ATOM   1   O "O5'" . DG  A 1 1  ? -12.891 6.105   -3.415 1.00 50.98  ? 1  DG  A "O5'" 1 
ATOM   2   C "C5'" . DG  A 1 1  ? -13.467 5.985   -4.724 1.00 38.71  ? 1  DG  A "C5'" 1 
ATOM   3   C "C4'" . DG  A 1 1  ? -12.848 6.921   -5.746 1.00 36.90  ? 1  DG  A "C4'" 1 
ATOM   4   O "O4'" . DG  A 1 1  ? -12.915 8.288   -5.338 1.00 32.18  ? 1  DG  A "O4'" 1 
ATOM   5   C "C3'" . DG  A 1 1  ? -11.408 6.671   -5.932 1.00 33.89  ? 1  DG  A "C3'" 1 
ATOM   6   O "O3'" . DG  A 1 1  ? -11.268 5.542   -6.744 1.00 39.84  ? 1  DG  A "O3'" 1 
ATOM   7   C "C2'" . DG  A 1 1  ? -11.015 7.946   -6.612 1.00 31.67  ? 1  DG  A "C2'" 1 
ATOM   8   C "C1'" . DG  A 1 1  ? -11.750 8.978   -5.811 1.00 28.97  ? 1  DG  A "C1'" 1 
ATOM   9   N N9    . DG  A 1 1  ? -10.966 9.517   -4.678 1.00 27.13  ? 1  DG  A N9    1 
ATOM   10  C C8    . DG  A 1 1  ? -11.162 9.347   -3.331 1.00 30.18  ? 1  DG  A C8    1 
ATOM   11  N N7    . DG  A 1 1  ? -10.386 10.071  -2.580 1.00 32.27  ? 1  DG  A N7    1 
ATOM   12  C C5    . DG  A 1 1  ? -9.619  10.777  -3.482 1.00 27.85  ? 1  DG  A C5    1 
ATOM   13  C C6    . DG  A 1 1  ? -8.615  11.722  -3.232 1.00 28.65  ? 1  DG  A C6    1 
ATOM   14  O O6    . DG  A 1 1  ? -8.263  12.193  -2.150 1.00 30.29  ? 1  DG  A O6    1 
ATOM   15  N N1    . DG  A 1 1  ? -8.081  12.176  -4.411 1.00 26.43  ? 1  DG  A N1    1 
ATOM   16  C C2    . DG  A 1 1  ? -8.484  11.784  -5.668 1.00 25.39  ? 1  DG  A C2    1 
ATOM   17  N N2    . DG  A 1 1  ? -7.849  12.297  -6.711 1.00 27.75  ? 1  DG  A N2    1 
ATOM   18  N N3    . DG  A 1 1  ? -9.441  10.908  -5.903 1.00 25.35  ? 1  DG  A N3    1 
ATOM   19  C C4    . DG  A 1 1  ? -9.963  10.444  -4.762 1.00 26.23  ? 1  DG  A C4    1 
ATOM   20  P P     . DC  A 1 2  ? -10.026 4.579   -6.508 1.00 40.98  ? 2  DC  A P     1 
ATOM   21  O OP1   . DC  A 1 2  ? -10.343 3.408   -7.307 1.00 49.40  ? 2  DC  A OP1   1 
ATOM   22  O OP2   . DC  A 1 2  ? -10.014 4.498   -5.018 1.00 43.23  ? 2  DC  A OP2   1 
ATOM   23  O "O5'" . DC  A 1 2  ? -8.684  5.203   -7.040 1.00 39.38  ? 2  DC  A "O5'" 1 
ATOM   24  C "C5'" . DC  A 1 2  ? -8.606  5.434   -8.438 1.00 39.22  ? 2  DC  A "C5'" 1 
ATOM   25  C "C4'" . DC  A 1 2  ? -7.535  6.477   -8.725 1.00 41.87  ? 2  DC  A "C4'" 1 
ATOM   26  O "O4'" . DC  A 1 2  ? -7.828  7.720   -8.077 1.00 35.74  ? 2  DC  A "O4'" 1 
ATOM   27  C "C3'" . DC  A 1 2  ? -6.179  6.051   -8.167 1.00 42.52  ? 2  DC  A "C3'" 1 
ATOM   28  O "O3'" . DC  A 1 2  ? -5.546  5.152   -9.079 1.00 45.17  ? 2  DC  A "O3'" 1 
ATOM   29  C "C2'" . DC  A 1 2  ? -5.530  7.393   -8.141 1.00 39.74  ? 2  DC  A "C2'" 1 
ATOM   30  C "C1'" . DC  A 1 2  ? -6.602  8.318   -7.629 1.00 35.53  ? 2  DC  A "C1'" 1 
ATOM   31  N N1    . DC  A 1 2  ? -6.557  8.498   -6.158 1.00 27.78  ? 2  DC  A N1    1 
ATOM   32  C C2    . DC  A 1 2  ? -5.724  9.469   -5.641 1.00 28.79  ? 2  DC  A C2    1 
ATOM   33  O O2    . DC  A 1 2  ? -4.968  10.137  -6.330 1.00 29.70  ? 2  DC  A O2    1 
ATOM   34  N N3    . DC  A 1 2  ? -5.719  9.701   -4.310 1.00 30.28  ? 2  DC  A N3    1 
ATOM   35  C C4    . DC  A 1 2  ? -6.509  9.001   -3.498 1.00 30.95  ? 2  DC  A C4    1 
ATOM   36  N N4    . DC  A 1 2  ? -6.468  9.292   -2.210 1.00 29.92  ? 2  DC  A N4    1 
ATOM   37  C C5    . DC  A 1 2  ? -7.382  7.994   -4.007 1.00 28.87  ? 2  DC  A C5    1 
ATOM   38  C C6    . DC  A 1 2  ? -7.364  7.786   -5.339 1.00 29.17  ? 2  DC  A C6    1 
ATOM   39  P P     . DA  A 1 3  ? -4.388  4.168   -8.609 1.00 46.99  ? 3  DA  A P     1 
ATOM   40  O OP1   . DA  A 1 3  ? -4.221  3.437   -9.887 1.00 51.81  ? 3  DA  A OP1   1 
ATOM   41  O OP2   . DA  A 1 3  ? -4.641  3.350   -7.389 1.00 46.11  ? 3  DA  A OP2   1 
ATOM   42  O "O5'" . DA  A 1 3  ? -3.088  5.057   -8.373 1.00 41.35  ? 3  DA  A "O5'" 1 
ATOM   43  C "C5'" . DA  A 1 3  ? -2.430  5.708   -9.425 1.00 36.50  ? 3  DA  A "C5'" 1 
ATOM   44  C "C4'" . DA  A 1 3  ? -1.498  6.748   -8.879 1.00 36.99  ? 3  DA  A "C4'" 1 
ATOM   45  O "O4'" . DA  A 1 3  ? -2.216  7.691   -8.085 1.00 38.04  ? 3  DA  A "O4'" 1 
ATOM   46  C "C3'" . DA  A 1 3  ? -0.504  6.155   -7.922 1.00 38.69  ? 3  DA  A "C3'" 1 
ATOM   47  O "O3'" . DA  A 1 3  ? 0.595   5.563   -8.614 1.00 38.51  ? 3  DA  A "O3'" 1 
ATOM   48  C "C2'" . DA  A 1 3  ? -0.105  7.426   -7.199 1.00 38.24  ? 3  DA  A "C2'" 1 
ATOM   49  C "C1'" . DA  A 1 3  ? -1.408  8.140   -6.966 1.00 32.68  ? 3  DA  A "C1'" 1 
ATOM   50  N N9    . DA  A 1 3  ? -2.030  7.743   -5.684 1.00 25.27  ? 3  DA  A N9    1 
ATOM   51  C C8    . DA  A 1 3  ? -3.017  6.811   -5.429 1.00 24.94  ? 3  DA  A C8    1 
ATOM   52  N N7    . DA  A 1 3  ? -3.498  6.843   -4.219 1.00 22.27  ? 3  DA  A N7    1 
ATOM   53  C C5    . DA  A 1 3  ? -2.754  7.873   -3.641 1.00 18.88  ? 3  DA  A C5    1 
ATOM   54  C C6    . DA  A 1 3  ? -2.740  8.393   -2.350 1.00 22.81  ? 3  DA  A C6    1 
ATOM   55  N N6    . DA  A 1 3  ? -3.642  8.046   -1.438 1.00 23.87  ? 3  DA  A N6    1 
ATOM   56  N N1    . DA  A 1 3  ? -1.832  9.338   -2.070 1.00 22.82  ? 3  DA  A N1    1 
ATOM   57  C C2    . DA  A 1 3  ? -1.004  9.743   -3.039 1.00 26.17  ? 3  DA  A C2    1 
ATOM   58  N N3    . DA  A 1 3  ? -0.943  9.336   -4.302 1.00 23.47  ? 3  DA  A N3    1 
ATOM   59  C C4    . DA  A 1 3  ? -1.859  8.395   -4.528 1.00 17.72  ? 3  DA  A C4    1 
ATOM   60  P P     . DC  A 1 4  ? 1.296   4.236   -8.024 1.00 40.79  ? 4  DC  A P     1 
ATOM   61  O OP1   . DC  A 1 4  ? 2.250   3.882   -9.104 1.00 49.37  ? 4  DC  A OP1   1 
ATOM   62  O OP2   . DC  A 1 4  ? 0.592   3.128   -7.342 1.00 34.93  ? 4  DC  A OP2   1 
ATOM   63  O "O5'" . DC  A 1 4  ? 2.174   4.992   -6.912 1.00 35.06  ? 4  DC  A "O5'" 1 
ATOM   64  C "C5'" . DC  A 1 4  ? 3.288   5.754   -7.297 1.00 33.50  ? 4  DC  A "C5'" 1 
ATOM   65  C "C4'" . DC  A 1 4  ? 3.764   6.557   -6.146 1.00 36.09  ? 4  DC  A "C4'" 1 
ATOM   66  O "O4'" . DC  A 1 4  ? 2.682   7.310   -5.606 1.00 34.20  ? 4  DC  A "O4'" 1 
ATOM   67  C "C3'" . DC  A 1 4  ? 4.247   5.675   -5.026 1.00 38.13  ? 4  DC  A "C3'" 1 
ATOM   68  O "O3'" . DC  A 1 4  ? 5.535   5.142   -5.281 1.00 39.58  ? 4  DC  A "O3'" 1 
ATOM   69  C "C2'" . DC  A 1 4  ? 4.241   6.735   -3.971 1.00 36.60  ? 4  DC  A "C2'" 1 
ATOM   70  C "C1'" . DC  A 1 4  ? 2.957   7.492   -4.219 1.00 33.82  ? 4  DC  A "C1'" 1 
ATOM   71  N N1    . DC  A 1 4  ? 1.886   6.867   -3.421 1.00 31.21  ? 4  DC  A N1    1 
ATOM   72  C C2    . DC  A 1 4  ? 1.691   7.326   -2.169 1.00 29.71  ? 4  DC  A C2    1 
ATOM   73  O O2    . DC  A 1 4  ? 2.407   8.186   -1.692 1.00 29.50  ? 4  DC  A O2    1 
ATOM   74  N N3    . DC  A 1 4  ? 0.685   6.844   -1.435 1.00 23.64  ? 4  DC  A N3    1 
ATOM   75  C C4    . DC  A 1 4  ? -0.124  5.916   -1.927 1.00 24.21  ? 4  DC  A C4    1 
ATOM   76  N N4    . DC  A 1 4  ? -1.201  5.601   -1.179 1.00 23.82  ? 4  DC  A N4    1 
ATOM   77  C C5    . DC  A 1 4  ? 0.075   5.399   -3.241 1.00 27.65  ? 4  DC  A C5    1 
ATOM   78  C C6    . DC  A 1 4  ? 1.086   5.911   -3.942 1.00 29.25  ? 4  DC  A C6    1 
ATOM   79  P P     . DG  A 1 5  ? 6.020   3.927   -4.375 1.00 42.17  ? 5  DG  A P     1 
ATOM   80  O OP1   . DG  A 1 5  ? 7.127   4.080   -5.343 1.00 44.71  ? 5  DG  A OP1   1 
ATOM   81  O OP2   . DG  A 1 5  ? 5.519   2.573   -4.062 1.00 44.19  ? 5  DG  A OP2   1 
ATOM   82  O "O5'" . DG  A 1 5  ? 6.428   4.579   -2.950 1.00 41.31  ? 5  DG  A "O5'" 1 
ATOM   83  C "C5'" . DG  A 1 5  ? 7.576   5.351   -2.634 1.00 32.70  ? 5  DG  A "C5'" 1 
ATOM   84  C "C4'" . DG  A 1 5  ? 7.598   5.685   -1.138 1.00 30.62  ? 5  DG  A "C4'" 1 
ATOM   85  O "O4'" . DG  A 1 5  ? 6.436   6.447   -0.829 1.00 34.30  ? 5  DG  A "O4'" 1 
ATOM   86  C "C3'" . DG  A 1 5  ? 7.468   4.457   -0.246 1.00 30.68  ? 5  DG  A "C3'" 1 
ATOM   87  O "O3'" . DG  A 1 5  ? 8.749   3.896   0.022  1.00 34.10  ? 5  DG  A "O3'" 1 
ATOM   88  C "C2'" . DG  A 1 5  ? 6.920   5.088   0.986  1.00 26.29  ? 5  DG  A "C2'" 1 
ATOM   89  C "C1'" . DG  A 1 5  ? 5.906   6.049   0.443  1.00 29.21  ? 5  DG  A "C1'" 1 
ATOM   90  N N9    . DG  A 1 5  ? 4.592   5.388   0.356  1.00 25.50  ? 5  DG  A N9    1 
ATOM   91  C C8    . DG  A 1 5  ? 3.898   4.857   -0.718 1.00 24.62  ? 5  DG  A C8    1 
ATOM   92  N N7    . DG  A 1 5  ? 2.721   4.410   -0.396 1.00 24.37  ? 5  DG  A N7    1 
ATOM   93  C C5    . DG  A 1 5  ? 2.630   4.659   0.974  1.00 23.86  ? 5  DG  A C5    1 
ATOM   94  C C6    . DG  A 1 5  ? 1.576   4.444   1.886  1.00 23.73  ? 5  DG  A C6    1 
ATOM   95  O O6    . DG  A 1 5  ? 0.474   3.923   1.701  1.00 22.26  ? 5  DG  A O6    1 
ATOM   96  N N1    . DG  A 1 5  ? 1.917   4.894   3.158  1.00 18.96  ? 5  DG  A N1    1 
ATOM   97  C C2    . DG  A 1 5  ? 3.104   5.461   3.529  1.00 17.29  ? 5  DG  A C2    1 
ATOM   98  N N2    . DG  A 1 5  ? 3.335   5.707   4.817  1.00 20.55  ? 5  DG  A N2    1 
ATOM   99  N N3    . DG  A 1 5  ? 4.069   5.673   2.674  1.00 21.36  ? 5  DG  A N3    1 
ATOM   100 C C4    . DG  A 1 5  ? 3.775   5.248   1.429  1.00 22.54  ? 5  DG  A C4    1 
ATOM   101 P P     . DC  A 1 6  ? 8.916   2.325   0.174  1.00 35.34  ? 6  DC  A P     1 
ATOM   102 O OP1   . DC  A 1 6  ? 10.339  1.966   0.242  1.00 45.50  ? 6  DC  A OP1   1 
ATOM   103 O OP2   . DC  A 1 6  ? 8.030   1.409   -0.581 1.00 36.85  ? 6  DC  A OP2   1 
ATOM   104 O "O5'" . DC  A 1 6  ? 8.362   2.364   1.687  1.00 35.32  ? 6  DC  A "O5'" 1 
ATOM   105 C "C5'" . DC  A 1 6  ? 9.184   2.764   2.782  1.00 23.14  ? 6  DC  A "C5'" 1 
ATOM   106 C "C4'" . DC  A 1 6  ? 8.464   2.609   4.117  1.00 24.58  ? 6  DC  A "C4'" 1 
ATOM   107 O "O4'" . DC  A 1 6  ? 7.261   3.344   4.086  1.00 24.00  ? 6  DC  A "O4'" 1 
ATOM   108 C "C3'" . DC  A 1 6  ? 8.035   1.248   4.465  1.00 22.45  ? 6  DC  A "C3'" 1 
ATOM   109 O "O3'" . DC  A 1 6  ? 9.137   0.511   4.982  1.00 34.87  ? 6  DC  A "O3'" 1 
ATOM   110 C "C2'" . DC  A 1 6  ? 7.010   1.582   5.504  1.00 22.64  ? 6  DC  A "C2'" 1 
ATOM   111 C "C1'" . DC  A 1 6  ? 6.261   2.740   4.913  1.00 23.41  ? 6  DC  A "C1'" 1 
ATOM   112 N N1    . DC  A 1 6  ? 5.090   2.315   4.098  1.00 27.98  ? 6  DC  A N1    1 
ATOM   113 C C2    . DC  A 1 6  ? 3.895   2.082   4.743  1.00 28.88  ? 6  DC  A C2    1 
ATOM   114 O O2    . DC  A 1 6  ? 3.765   2.261   5.954  1.00 29.73  ? 6  DC  A O2    1 
ATOM   115 N N3    . DC  A 1 6  ? 2.833   1.661   4.004  1.00 28.38  ? 6  DC  A N3    1 
ATOM   116 C C4    . DC  A 1 6  ? 2.930   1.467   2.678  1.00 30.15  ? 6  DC  A C4    1 
ATOM   117 N N4    . DC  A 1 6  ? 1.858   0.999   2.032  1.00 25.82  ? 6  DC  A N4    1 
ATOM   118 C C5    . DC  A 1 6  ? 4.156   1.715   1.987  1.00 27.65  ? 6  DC  A C5    1 
ATOM   119 C C6    . DC  A 1 6  ? 5.198   2.133   2.734  1.00 29.29  ? 6  DC  A C6    1 
ATOM   120 P P     . DG  A 1 7  ? 9.266   -1.080  4.837  1.00 38.26  ? 7  DG  A P     1 
ATOM   121 O OP1   . DG  A 1 7  ? 10.544  -1.376  5.576  1.00 45.02  ? 7  DG  A OP1   1 
ATOM   122 O OP2   . DG  A 1 7  ? 9.049   -1.689  3.497  1.00 42.50  ? 7  DG  A OP2   1 
ATOM   123 O "O5'" . DG  A 1 7  ? 8.003   -1.291  5.792  1.00 28.44  ? 7  DG  A "O5'" 1 
ATOM   124 C "C5'" . DG  A 1 7  ? 7.420   -2.561  5.934  1.00 34.26  ? 7  DG  A "C5'" 1 
ATOM   125 C "C4'" . DG  A 1 7  ? 6.382   -2.424  6.968  1.00 34.21  ? 7  DG  A "C4'" 1 
ATOM   126 O "O4'" . DG  A 1 7  ? 5.506   -1.367  6.570  1.00 32.64  ? 7  DG  A "O4'" 1 
ATOM   127 C "C3'" . DG  A 1 7  ? 5.583   -3.688  6.913  1.00 37.24  ? 7  DG  A "C3'" 1 
ATOM   128 O "O3'" . DG  A 1 7  ? 6.147   -4.672  7.748  1.00 43.49  ? 7  DG  A "O3'" 1 
ATOM   129 C "C2'" . DG  A 1 7  ? 4.237   -3.220  7.350  1.00 35.21  ? 7  DG  A "C2'" 1 
ATOM   130 C "C1'" . DG  A 1 7  ? 4.194   -1.920  6.577  1.00 29.42  ? 7  DG  A "C1'" 1 
ATOM   131 N N9    . DG  A 1 7  ? 3.628   -1.946  5.225  1.00 26.77  ? 7  DG  A N9    1 
ATOM   132 C C8    . DG  A 1 7  ? 4.194   -1.682  4.011  1.00 23.60  ? 7  DG  A C8    1 
ATOM   133 N N7    . DG  A 1 7  ? 3.323   -1.638  3.046  1.00 27.32  ? 7  DG  A N7    1 
ATOM   134 C C5    . DG  A 1 7  ? 2.109   -1.892  3.645  1.00 23.82  ? 7  DG  A C5    1 
ATOM   135 C C6    . DG  A 1 7  ? 0.826   -2.053  3.081  1.00 29.85  ? 7  DG  A C6    1 
ATOM   136 O O6    . DG  A 1 7  ? 0.508   -1.904  1.914  1.00 34.99  ? 7  DG  A O6    1 
ATOM   137 N N1    . DG  A 1 7  ? -0.133  -2.410  4.024  1.00 26.56  ? 7  DG  A N1    1 
ATOM   138 C C2    . DG  A 1 7  ? 0.129   -2.580  5.366  1.00 25.63  ? 7  DG  A C2    1 
ATOM   139 N N2    . DG  A 1 7  ? -0.879  -2.850  6.182  1.00 24.36  ? 7  DG  A N2    1 
ATOM   140 N N3    . DG  A 1 7  ? 1.342   -2.429  5.890  1.00 26.42  ? 7  DG  A N3    1 
ATOM   141 C C4    . DG  A 1 7  ? 2.282   -2.084  4.976  1.00 25.76  ? 7  DG  A C4    1 
ATOM   142 P P     . DT  A 1 8  ? 6.021   -6.221  7.368  1.00 40.54  ? 8  DT  A P     1 
ATOM   143 O OP1   . DT  A 1 8  ? 6.751   -6.783  8.535  1.00 40.52  ? 8  DT  A OP1   1 
ATOM   144 O OP2   . DT  A 1 8  ? 6.619   -6.275  6.021  1.00 33.72  ? 8  DT  A OP2   1 
ATOM   145 O "O5'" . DT  A 1 8  ? 4.571   -6.776  7.312  1.00 37.50  ? 8  DT  A "O5'" 1 
ATOM   146 C "C5'" . DT  A 1 8  ? 3.880   -6.886  8.539  1.00 33.81  ? 8  DT  A "C5'" 1 
ATOM   147 C "C4'" . DT  A 1 8  ? 2.401   -7.033  8.276  1.00 34.87  ? 8  DT  A "C4'" 1 
ATOM   148 O "O4'" . DT  A 1 8  ? 2.038   -5.957  7.435  1.00 37.37  ? 8  DT  A "O4'" 1 
ATOM   149 C "C3'" . DT  A 1 8  ? 2.039   -8.220  7.422  1.00 38.15  ? 8  DT  A "C3'" 1 
ATOM   150 O "O3'" . DT  A 1 8  ? 1.892   -9.381  8.194  1.00 48.81  ? 8  DT  A "O3'" 1 
ATOM   151 C "C2'" . DT  A 1 8  ? 0.687   -7.831  6.974  1.00 37.21  ? 8  DT  A "C2'" 1 
ATOM   152 C "C1'" . DT  A 1 8  ? 0.900   -6.397  6.684  1.00 34.87  ? 8  DT  A "C1'" 1 
ATOM   153 N N1    . DT  A 1 8  ? 1.136   -6.187  5.260  1.00 32.71  ? 8  DT  A N1    1 
ATOM   154 C C2    . DT  A 1 8  ? 0.026   -6.108  4.435  1.00 34.96  ? 8  DT  A C2    1 
ATOM   155 O O2    . DT  A 1 8  ? -1.121  -6.410  4.797  1.00 36.26  ? 8  DT  A O2    1 
ATOM   156 N N3    . DT  A 1 8  ? 0.293   -5.699  3.141  1.00 29.85  ? 8  DT  A N3    1 
ATOM   157 C C4    . DT  A 1 8  ? 1.530   -5.392  2.618  1.00 32.24  ? 8  DT  A C4    1 
ATOM   158 O O4    . DT  A 1 8  ? 1.600   -4.997  1.458  1.00 41.01  ? 8  DT  A O4    1 
ATOM   159 C C5    . DT  A 1 8  ? 2.619   -5.522  3.557  1.00 28.22  ? 8  DT  A C5    1 
ATOM   160 C C7    . DT  A 1 8  ? 4.025   -5.132  3.192  1.00 31.62  ? 8  DT  A C7    1 
ATOM   161 C C6    . DT  A 1 8  ? 2.397   -5.916  4.806  1.00 30.39  ? 8  DT  A C6    1 
ATOM   162 P P     . DG  A 1 9  ? 2.362   -10.783 7.653  1.00 51.24  ? 9  DG  A P     1 
ATOM   163 O OP1   . DG  A 1 9  ? 2.457   -11.702 8.816  1.00 54.28  ? 9  DG  A OP1   1 
ATOM   164 O OP2   . DG  A 1 9  ? 3.490   -10.730 6.690  1.00 50.45  ? 9  DG  A OP2   1 
ATOM   165 O "O5'" . DG  A 1 9  ? 1.112   -11.221 6.760  1.00 44.76  ? 9  DG  A "O5'" 1 
ATOM   166 C "C5'" . DG  A 1 9  ? -0.060  -11.602 7.465  1.00 41.40  ? 9  DG  A "C5'" 1 
ATOM   167 C "C4'" . DG  A 1 9  ? -1.228  -11.549 6.557  1.00 39.26  ? 9  DG  A "C4'" 1 
ATOM   168 O "O4'" . DG  A 1 9  ? -1.139  -10.301 5.917  1.00 42.33  ? 9  DG  A "O4'" 1 
ATOM   169 C "C3'" . DG  A 1 9  ? -1.105  -12.522 5.426  1.00 41.81  ? 9  DG  A "C3'" 1 
ATOM   170 O "O3'" . DG  A 1 9  ? -1.565  -13.811 5.803  1.00 42.28  ? 9  DG  A "O3'" 1 
ATOM   171 C "C2'" . DG  A 1 9  ? -2.030  -11.894 4.437  1.00 38.66  ? 9  DG  A "C2'" 1 
ATOM   172 C "C1'" . DG  A 1 9  ? -1.701  -10.442 4.614  1.00 38.68  ? 9  DG  A "C1'" 1 
ATOM   173 N N9    . DG  A 1 9  ? -0.783  -9.896  3.610  1.00 31.08  ? 9  DG  A N9    1 
ATOM   174 C C8    . DG  A 1 9  ? 0.565   -9.715  3.667  1.00 26.29  ? 9  DG  A C8    1 
ATOM   175 N N7    . DG  A 1 9  ? 1.018   -9.135  2.596  1.00 26.06  ? 9  DG  A N7    1 
ATOM   176 C C5    . DG  A 1 9  ? -0.089  -8.911  1.767  1.00 29.20  ? 9  DG  A C5    1 
ATOM   177 C C6    . DG  A 1 9  ? -0.190  -8.423  0.421  1.00 31.24  ? 9  DG  A C6    1 
ATOM   178 O O6    . DG  A 1 9  ? 0.680   -7.878  -0.266 1.00 36.98  ? 9  DG  A O6    1 
ATOM   179 N N1    . DG  A 1 9  ? -1.491  -8.537  -0.084 1.00 32.34  ? 9  DG  A N1    1 
ATOM   180 C C2    . DG  A 1 9  ? -2.568  -9.035  0.626  1.00 33.96  ? 9  DG  A C2    1 
ATOM   181 N N2    . DG  A 1 9  ? -3.760  -9.156  0.033  1.00 28.46  ? 9  DG  A N2    1 
ATOM   182 N N3    . DG  A 1 9  ? -2.454  -9.459  1.888  1.00 31.03  ? 9  DG  A N3    1 
ATOM   183 C C4    . DG  A 1 9  ? -1.202  -9.380  2.392  1.00 29.75  ? 9  DG  A C4    1 
ATOM   184 P P     . DC  A 1 10 ? -0.832  -15.061 5.116  1.00 51.81  ? 10 DC  A P     1 
ATOM   185 O OP1   . DC  A 1 10 ? -1.143  -16.256 5.949  1.00 59.61  ? 10 DC  A OP1   1 
ATOM   186 O OP2   . DC  A 1 10 ? 0.573   -14.676 4.920  1.00 50.20  ? 10 DC  A OP2   1 
ATOM   187 O "O5'" . DC  A 1 10 ? -1.500  -15.122 3.630  1.00 48.33  ? 10 DC  A "O5'" 1 
ATOM   188 C "C5'" . DC  A 1 10 ? -2.870  -15.493 3.540  1.00 43.05  ? 10 DC  A "C5'" 1 
ATOM   189 C "C4'" . DC  A 1 10 ? -3.440  -15.227 2.181  1.00 40.65  ? 10 DC  A "C4'" 1 
ATOM   190 O "O4'" . DC  A 1 10 ? -3.375  -13.828 1.869  1.00 37.82  ? 10 DC  A "O4'" 1 
ATOM   191 C "C3'" . DC  A 1 10 ? -2.565  -15.911 1.154  1.00 41.57  ? 10 DC  A "C3'" 1 
ATOM   192 O "O3'" . DC  A 1 10 ? -2.832  -17.303 1.065  1.00 46.09  ? 10 DC  A "O3'" 1 
ATOM   193 C "C2'" . DC  A 1 10 ? -2.994  -15.139 -0.034 1.00 40.70  ? 10 DC  A "C2'" 1 
ATOM   194 C "C1'" . DC  A 1 10 ? -3.088  -13.727 0.489  1.00 34.18  ? 10 DC  A "C1'" 1 
ATOM   195 N N1    . DC  A 1 10 ? -1.830  -13.021 0.230  1.00 28.04  ? 10 DC  A N1    1 
ATOM   196 C C2    . DC  A 1 10 ? -1.790  -12.217 -0.883 1.00 26.76  ? 10 DC  A C2    1 
ATOM   197 O O2    . DC  A 1 10 ? -2.755  -12.037 -1.586 1.00 29.91  ? 10 DC  A O2    1 
ATOM   198 N N3    . DC  A 1 10 ? -0.694  -11.526 -1.201 1.00 22.24  ? 10 DC  A N3    1 
ATOM   199 C C4    . DC  A 1 10 ? 0.364   -11.613 -0.411 1.00 23.52  ? 10 DC  A C4    1 
ATOM   200 N N4    . DC  A 1 10 ? 1.423   -10.863 -0.734 1.00 22.76  ? 10 DC  A N4    1 
ATOM   201 C C5    . DC  A 1 10 ? 0.368   -12.437 0.765  1.00 21.63  ? 10 DC  A C5    1 
ATOM   202 C C6    . DC  A 1 10 ? -0.758  -13.126 1.044  1.00 21.95  ? 10 DC  A C6    1 
HETATM 203 O O     . HOH B 2 .  ? 3.841   -2.057  0.184  1.00 47.31  ? 11 HOH A O     1 
HETATM 204 O O     . HOH B 2 .  ? -8.535  12.393  -9.390 1.00 51.79  ? 12 HOH A O     1 
HETATM 205 O O     . HOH B 2 .  ? -1.549  2.032   0.152  0.50 53.62  ? 13 HOH A O     1 
HETATM 206 O O     . HOH B 2 .  ? 1.822   2.342   -1.724 1.00 55.12  ? 14 HOH A O     1 
HETATM 207 O O     . HOH B 2 .  ? 3.333   -9.003  1.655  1.00 59.50  ? 15 HOH A O     1 
HETATM 208 O O     . HOH B 2 .  ? 6.796   -0.707  1.058  1.00 62.55  ? 16 HOH A O     1 
HETATM 209 O O     . HOH B 2 .  ? -1.669  0.392   -9.286 1.00 66.54  ? 17 HOH A O     1 
HETATM 210 O O     . HOH B 2 .  ? 0.647   -10.472 10.460 1.00 66.76  ? 18 HOH A O     1 
HETATM 211 O O     . HOH B 2 .  ? -15.844 8.485   -2.471 1.00 67.77  ? 19 HOH A O     1 
HETATM 212 O O     . HOH B 2 .  ? -6.136  3.326   -4.711 1.00 70.27  ? 20 HOH A O     1 
HETATM 213 O O     . HOH B 2 .  ? 5.181   -16.095 2.916  1.00 71.66  ? 21 HOH A O     1 
HETATM 214 O O     . HOH B 2 .  ? 6.183   2.640   12.492 1.00 76.69  ? 22 HOH A O     1 
HETATM 215 O O     . HOH B 2 .  ? -13.444 7.366   -1.201 1.00 76.75  ? 23 HOH A O     1 
HETATM 216 O O     . HOH B 2 .  ? -1.443  4.164   -5.919 1.00 76.83  ? 24 HOH A O     1 
HETATM 217 O O     . HOH B 2 .  ? -10.114 12.322  0.658  1.00 76.84  ? 25 HOH A O     1 
HETATM 218 O O     . HOH B 2 .  ? -0.924  -16.902 9.176  1.00 78.85  ? 26 HOH A O     1 
HETATM 219 O O     . HOH B 2 .  ? 3.466   -7.814  -1.542 1.00 81.53  ? 27 HOH A O     1 
HETATM 220 O O     . HOH B 2 .  ? -1.431  -8.483  9.875  1.00 81.79  ? 28 HOH A O     1 
HETATM 221 O O     . HOH B 2 .  ? -8.819  7.625   -0.687 1.00 83.20  ? 29 HOH A O     1 
HETATM 222 O O     . HOH B 2 .  ? 4.358   5.537   10.872 1.00 84.74  ? 30 HOH A O     1 
HETATM 223 O O     . HOH B 2 .  ? 1.131   10.984  -5.911 1.00 85.48  ? 31 HOH A O     1 
HETATM 224 O O     . HOH B 2 .  ? 5.003   -8.966  4.076  1.00 88.70  ? 32 HOH A O     1 
HETATM 225 O O     . HOH B 2 .  ? 2.531   -13.865 3.396  1.00 90.77  ? 33 HOH A O     1 
HETATM 226 O O     . HOH B 2 .  ? -1.900  -19.204 2.648  1.00 91.25  ? 34 HOH A O     1 
HETATM 227 O O     . HOH B 2 .  ? -2.515  1.559   -5.605 1.00 94.18  ? 35 HOH A O     1 
HETATM 228 O O     . HOH B 2 .  ? -3.759  5.487   0.189  1.00 95.48  ? 36 HOH A O     1 
HETATM 229 O O     . HOH B 2 .  ? 5.262   0.848   -1.789 1.00 97.46  ? 37 HOH A O     1 
HETATM 230 O O     . HOH B 2 .  ? 3.804   -11.627 4.104  1.00 100.53 ? 38 HOH A O     1 
HETATM 231 O O     . HOH B 2 .  ? -9.444  9.797   -9.480 1.00 102.80 ? 39 HOH A O     1 
HETATM 232 O O     . HOH B 2 .  ? -10.842 0.015   -7.051 1.00 103.83 ? 40 HOH A O     1 
HETATM 233 O O     . HOH B 2 .  ? 6.393   -10.047 7.834  1.00 109.19 ? 41 HOH A O     1 
HETATM 234 O O     . HOH B 2 .  ? 17.098  0.966   -0.324 1.00 102.98 ? 42 HOH A O     1 
HETATM 235 O O     . HOH B 2 .  ? 11.083  -3.612  7.497  1.00 103.43 ? 43 HOH A O     1 
HETATM 236 O O     . HOH B 2 .  ? 2.049   3.162   -4.220 1.00 103.45 ? 44 HOH A O     1 
HETATM 237 O O     . HOH B 2 .  ? 2.340   -0.001  -0.557 1.00 106.30 ? 45 HOH A O     1 
HETATM 238 O O     . HOH B 2 .  ? 6.351   8.263   -5.975 1.00 107.28 ? 46 HOH A O     1 
HETATM 239 O O     . HOH B 2 .  ? 10.836  -0.862  0.975  1.00 107.72 ? 47 HOH A O     1 
HETATM 240 O O     . HOH B 2 .  ? -4.750  -15.412 6.391  1.00 108.87 ? 48 HOH A O     1 
HETATM 241 O O     . HOH B 2 .  ? -13.580 8.856   1.756  1.00 112.37 ? 49 HOH A O     1 
HETATM 242 O O     . HOH B 2 .  ? 16.224  -0.259  2.495  1.00 113.43 ? 50 HOH A O     1 
HETATM 243 O O     . HOH B 2 .  ? 3.530   -11.618 0.905  1.00 116.37 ? 51 HOH A O     1 
# 
